data_9FZK
#
_entry.id   9FZK
#
_cell.length_a   43.935
_cell.length_b   100.086
_cell.length_c   51.231
_cell.angle_alpha   90.000
_cell.angle_beta   114.586
_cell.angle_gamma   90.000
#
_symmetry.space_group_name_H-M   'P 1 21 1'
#
loop_
_entity.id
_entity.type
_entity.pdbx_description
1 polymer 'Non-structural protein 11'
2 polymer 'Guanine-N7 methyltransferase nsp14'
3 non-polymer 'ZINC ION'
4 water water
#
loop_
_entity_poly.entity_id
_entity_poly.type
_entity_poly.pdbx_seq_one_letter_code
_entity_poly.pdbx_strand_id
1 'polypeptide(L)'
;AGNATEVPANSTVLSFCAFAVDAAKAYKDYLASGGQPITNCVKMLCTHTGTGQAITVTPEANMDQESFGGASCCLYCRCH
IDHPNPKGFCDLKGKYVQIPTTCANDPVGFTLKNTVCTVCGMWKGYGCSCD
;
A
2 'polypeptide(L)'
;MAENVTGLFKDCSKVITGLHPTQAPTHLSVDTKFKTEGLCVDIPGIPKDMTYRRLISMMGFKMNYQVNGYPNMFITREEA
IRHVRAWIGFDVEGCHATREAVGTNLPLQLGFSTGVNLVAVPTGYVDTPNNTDFSRVSAKPPPGDQFKHLIPLMYKGLPW
NVVRIKIVQMLSDTLKNLSDRVVFVLWAHGFELTSMKYFVKIGPERTCCLCDRRATCFSTASDTYACWHHSIGFDYVYNP
FMIDVQQWGFTGNLQSNHDLYCQVHGNAHVASCDAIMTRCLAVHECFVKR
;
B
#
loop_
_chem_comp.id
_chem_comp.type
_chem_comp.name
_chem_comp.formula
ZN non-polymer 'ZINC ION' 'Zn 2'
#
# COMPACT_ATOMS: atom_id res chain seq x y z
N ALA A 1 -15.19 12.91 -3.09
CA ALA A 1 -14.15 13.79 -3.60
C ALA A 1 -13.09 12.86 -4.18
N GLY A 2 -12.47 13.26 -5.25
CA GLY A 2 -11.42 12.48 -5.88
C GLY A 2 -11.94 11.67 -7.05
N ASN A 3 -11.03 11.00 -7.74
CA ASN A 3 -11.38 10.22 -8.92
C ASN A 3 -10.72 8.87 -8.82
N ALA A 4 -11.52 7.82 -8.92
CA ALA A 4 -11.02 6.47 -8.78
C ALA A 4 -10.01 6.19 -9.87
N THR A 5 -8.96 5.46 -9.50
CA THR A 5 -8.07 4.88 -10.49
C THR A 5 -8.24 3.39 -10.68
N GLU A 6 -8.79 2.66 -9.69
CA GLU A 6 -8.74 1.21 -9.75
C GLU A 6 -10.10 0.56 -9.78
N VAL A 7 -10.07 -0.71 -10.12
CA VAL A 7 -11.25 -1.57 -10.19
C VAL A 7 -11.17 -2.68 -9.15
N PRO A 8 -12.31 -3.24 -8.70
CA PRO A 8 -12.26 -4.23 -7.59
C PRO A 8 -11.48 -5.46 -7.92
N ALA A 9 -11.37 -5.84 -9.19
CA ALA A 9 -10.68 -7.07 -9.51
C ALA A 9 -9.20 -6.99 -9.17
N ASN A 10 -8.65 -5.76 -9.02
CA ASN A 10 -7.25 -5.61 -8.65
C ASN A 10 -7.01 -5.39 -7.16
N SER A 11 -8.07 -5.23 -6.34
CA SER A 11 -7.85 -4.90 -4.93
C SER A 11 -6.94 -5.89 -4.20
N THR A 12 -7.16 -7.20 -4.38
CA THR A 12 -6.40 -8.18 -3.62
C THR A 12 -4.93 -8.13 -3.99
N VAL A 13 -4.62 -8.21 -5.30
CA VAL A 13 -3.22 -8.30 -5.70
C VAL A 13 -2.49 -7.01 -5.37
N LEU A 14 -3.13 -5.86 -5.56
CA LEU A 14 -2.44 -4.60 -5.29
C LEU A 14 -2.21 -4.42 -3.80
N SER A 15 -3.18 -4.84 -2.97
CA SER A 15 -2.97 -4.74 -1.52
C SER A 15 -1.83 -5.64 -1.05
N PHE A 16 -1.77 -6.86 -1.57
CA PHE A 16 -0.72 -7.80 -1.22
C PHE A 16 0.62 -7.24 -1.62
N CYS A 17 0.74 -6.76 -2.87
CA CYS A 17 2.04 -6.29 -3.31
C CYS A 17 2.41 -4.94 -2.70
N ALA A 18 1.44 -4.15 -2.27
CA ALA A 18 1.75 -2.86 -1.65
C ALA A 18 2.34 -3.03 -0.26
N PHE A 19 2.07 -4.16 0.42
CA PHE A 19 2.61 -4.45 1.74
C PHE A 19 3.84 -5.34 1.69
N ALA A 20 4.16 -5.96 0.55
CA ALA A 20 5.22 -6.98 0.52
C ALA A 20 6.60 -6.38 0.71
N VAL A 21 7.49 -7.07 1.44
CA VAL A 21 8.91 -6.68 1.39
C VAL A 21 9.43 -6.75 -0.04
N ASP A 22 9.10 -7.83 -0.73
CA ASP A 22 9.60 -8.07 -2.08
C ASP A 22 8.38 -8.10 -3.00
N ALA A 23 8.07 -6.97 -3.62
CA ALA A 23 6.82 -6.89 -4.37
C ALA A 23 6.85 -7.75 -5.62
N ALA A 24 8.00 -7.79 -6.32
CA ALA A 24 8.10 -8.62 -7.52
C ALA A 24 7.88 -10.09 -7.20
N LYS A 25 8.49 -10.55 -6.10
CA LYS A 25 8.30 -11.93 -5.66
C LYS A 25 6.87 -12.19 -5.25
N ALA A 26 6.27 -11.21 -4.57
CA ALA A 26 4.88 -11.40 -4.19
C ALA A 26 3.99 -11.54 -5.39
N TYR A 27 4.21 -10.72 -6.44
CA TYR A 27 3.38 -10.87 -7.62
C TYR A 27 3.59 -12.24 -8.27
N LYS A 28 4.84 -12.66 -8.43
CA LYS A 28 5.15 -13.99 -8.99
C LYS A 28 4.46 -15.08 -8.20
N ASP A 29 4.55 -15.01 -6.87
CA ASP A 29 3.91 -16.03 -6.01
C ASP A 29 2.41 -15.97 -6.09
N TYR A 30 1.85 -14.75 -6.14
CA TYR A 30 0.41 -14.62 -6.27
CA TYR A 30 0.40 -14.58 -6.28
C TYR A 30 -0.10 -15.30 -7.53
N LEU A 31 0.61 -15.12 -8.64
CA LEU A 31 0.21 -15.79 -9.87
C LEU A 31 0.36 -17.32 -9.74
N ALA A 32 1.42 -17.79 -9.10
CA ALA A 32 1.64 -19.23 -8.97
C ALA A 32 0.57 -19.84 -8.07
N SER A 33 -0.04 -19.07 -7.16
CA SER A 33 -1.12 -19.62 -6.37
C SER A 33 -2.47 -19.49 -7.03
N GLY A 34 -2.50 -19.04 -8.30
CA GLY A 34 -3.72 -19.00 -9.05
C GLY A 34 -4.37 -17.64 -9.17
N GLY A 35 -3.71 -16.56 -8.73
CA GLY A 35 -4.31 -15.25 -8.83
C GLY A 35 -4.34 -14.75 -10.27
N GLN A 36 -5.25 -13.89 -10.54
CA GLN A 36 -5.36 -13.33 -11.90
C GLN A 36 -4.38 -12.16 -12.09
N PRO A 37 -3.78 -12.02 -13.27
CA PRO A 37 -2.91 -10.87 -13.54
C PRO A 37 -3.62 -9.55 -13.32
N ILE A 38 -2.83 -8.53 -12.98
CA ILE A 38 -3.32 -7.16 -12.89
C ILE A 38 -3.97 -6.73 -14.19
N THR A 39 -5.17 -6.19 -14.11
CA THR A 39 -5.92 -5.74 -15.27
C THR A 39 -5.99 -4.20 -15.25
N ASN A 40 -6.79 -3.59 -16.13
CA ASN A 40 -6.98 -2.14 -16.09
C ASN A 40 -5.67 -1.44 -16.51
N CYS A 41 -4.86 -2.11 -17.33
CA CYS A 41 -3.72 -1.46 -17.95
C CYS A 41 -4.18 -0.52 -19.08
N VAL A 42 -3.25 0.29 -19.57
CA VAL A 42 -3.51 1.29 -20.60
C VAL A 42 -3.06 0.65 -21.90
N LYS A 43 -3.97 0.03 -22.63
CA LYS A 43 -3.66 -0.62 -23.90
C LYS A 43 -3.98 0.34 -25.02
N MET A 44 -3.11 0.45 -25.99
CA MET A 44 -3.24 1.41 -27.09
C MET A 44 -3.77 0.80 -28.37
N LEU A 45 -4.48 1.64 -29.16
CA LEU A 45 -4.73 1.36 -30.56
C LEU A 45 -3.58 1.95 -31.34
N CYS A 46 -3.10 1.22 -32.33
CA CYS A 46 -1.99 1.73 -33.14
C CYS A 46 -2.10 1.10 -34.52
N THR A 47 -1.09 1.32 -35.36
CA THR A 47 -1.10 0.77 -36.72
C THR A 47 -0.33 -0.54 -36.85
N HIS A 48 0.31 -1.00 -35.78
CA HIS A 48 1.10 -2.23 -35.79
C HIS A 48 2.12 -2.24 -36.92
N THR A 49 2.66 -1.06 -37.22
CA THR A 49 3.73 -0.93 -38.22
C THR A 49 4.95 -0.30 -37.59
N GLY A 50 5.13 -0.43 -36.28
CA GLY A 50 6.21 0.25 -35.60
C GLY A 50 7.53 -0.50 -35.62
N THR A 51 8.49 0.07 -34.90
CA THR A 51 9.85 -0.47 -34.90
C THR A 51 9.98 -1.74 -34.09
N GLY A 52 9.06 -2.01 -33.17
CA GLY A 52 9.19 -3.15 -32.30
C GLY A 52 10.15 -2.99 -31.13
N GLN A 53 10.77 -1.84 -30.99
CA GLN A 53 11.57 -1.56 -29.80
CA GLN A 53 11.57 -1.57 -29.81
C GLN A 53 10.72 -1.66 -28.54
N ALA A 54 11.37 -1.97 -27.43
CA ALA A 54 10.68 -2.28 -26.19
C ALA A 54 10.05 -1.06 -25.54
N ILE A 55 10.79 0.06 -25.44
CA ILE A 55 10.38 1.23 -24.65
C ILE A 55 10.57 2.44 -25.53
N THR A 56 9.47 3.15 -25.83
CA THR A 56 9.48 4.14 -26.89
C THR A 56 8.66 5.38 -26.54
N VAL A 57 8.88 6.45 -27.30
CA VAL A 57 8.21 7.72 -27.01
C VAL A 57 6.76 7.71 -27.45
N THR A 58 6.46 7.05 -28.55
CA THR A 58 5.11 6.89 -29.04
C THR A 58 4.91 5.40 -29.28
N PRO A 59 3.69 4.96 -29.55
CA PRO A 59 3.49 3.50 -29.70
C PRO A 59 4.27 2.96 -30.89
N GLU A 60 4.93 1.83 -30.67
CA GLU A 60 5.81 1.27 -31.70
C GLU A 60 5.58 -0.22 -31.93
N ALA A 61 4.41 -0.76 -31.59
CA ALA A 61 4.16 -2.19 -31.76
C ALA A 61 4.32 -2.58 -33.22
N ASN A 62 4.99 -3.71 -33.43
CA ASN A 62 4.93 -4.42 -34.70
C ASN A 62 3.77 -5.42 -34.66
N MET A 63 3.62 -6.25 -35.70
CA MET A 63 2.51 -7.22 -35.73
C MET A 63 2.62 -8.32 -34.71
N ASP A 64 3.76 -8.46 -34.06
CA ASP A 64 3.89 -9.44 -33.00
C ASP A 64 3.68 -8.88 -31.60
N GLN A 65 3.23 -7.63 -31.49
CA GLN A 65 3.21 -6.94 -30.20
C GLN A 65 1.90 -6.21 -30.00
N GLU A 66 1.69 -5.74 -28.78
CA GLU A 66 0.74 -4.70 -28.46
C GLU A 66 1.49 -3.56 -27.77
N SER A 67 0.99 -2.35 -27.87
CA SER A 67 1.54 -1.17 -27.20
C SER A 67 0.71 -0.84 -25.98
N PHE A 68 1.38 -0.54 -24.86
CA PHE A 68 0.73 -0.12 -23.63
C PHE A 68 1.36 1.14 -23.10
N GLY A 69 0.60 1.93 -22.36
CA GLY A 69 1.19 2.99 -21.57
C GLY A 69 2.12 2.40 -20.50
N GLY A 70 3.32 2.97 -20.39
CA GLY A 70 4.39 2.36 -19.60
C GLY A 70 4.10 2.30 -18.11
N ALA A 71 3.60 3.38 -17.50
CA ALA A 71 3.35 3.30 -16.07
C ALA A 71 2.38 2.20 -15.76
N SER A 72 1.42 1.95 -16.66
CA SER A 72 0.38 0.97 -16.35
C SER A 72 0.91 -0.46 -16.39
N CYS A 73 2.13 -0.66 -16.88
CA CYS A 73 2.75 -1.98 -16.95
CA CYS A 73 2.67 -2.02 -16.89
C CYS A 73 3.81 -2.19 -15.90
N CYS A 74 3.95 -1.25 -14.99
CA CYS A 74 5.03 -1.25 -14.02
C CYS A 74 4.43 -1.55 -12.65
N LEU A 75 4.84 -2.67 -12.02
CA LEU A 75 4.28 -3.04 -10.72
C LEU A 75 4.43 -1.93 -9.71
N TYR A 76 5.58 -1.25 -9.74
CA TYR A 76 5.89 -0.23 -8.72
C TYR A 76 5.04 1.01 -8.91
N CYS A 77 4.77 1.38 -10.16
CA CYS A 77 3.77 2.42 -10.45
C CYS A 77 2.36 2.01 -10.03
N ARG A 78 1.98 0.76 -10.29
CA ARG A 78 0.60 0.33 -10.02
C ARG A 78 0.31 0.25 -8.52
N CYS A 79 1.33 -0.11 -7.74
CA CYS A 79 1.17 -0.23 -6.29
C CYS A 79 1.59 1.01 -5.55
N HIS A 80 2.15 1.98 -6.24
CA HIS A 80 2.57 3.26 -5.63
C HIS A 80 3.65 3.05 -4.58
N ILE A 81 4.63 2.19 -4.90
CA ILE A 81 5.70 1.81 -3.99
C ILE A 81 7.03 2.24 -4.57
N ASP A 82 8.09 2.01 -3.80
CA ASP A 82 9.42 2.41 -4.25
C ASP A 82 9.83 1.59 -5.45
N HIS A 83 10.55 2.24 -6.39
CA HIS A 83 11.15 1.55 -7.50
C HIS A 83 12.53 1.04 -7.12
N PRO A 84 12.92 -0.10 -7.69
CA PRO A 84 14.27 -0.67 -7.45
C PRO A 84 15.47 0.02 -8.15
N ASN A 85 15.34 0.94 -9.12
CA ASN A 85 16.55 1.66 -9.55
C ASN A 85 17.27 2.41 -8.43
N PRO A 86 18.58 2.68 -8.62
CA PRO A 86 19.33 3.42 -7.58
C PRO A 86 18.66 4.71 -7.11
N LYS A 87 18.22 5.55 -8.04
CA LYS A 87 17.64 6.83 -7.68
C LYS A 87 16.13 6.75 -7.46
N GLY A 88 15.56 5.56 -7.59
CA GLY A 88 14.15 5.36 -7.33
C GLY A 88 13.22 5.88 -8.41
N PHE A 89 13.70 6.08 -9.63
CA PHE A 89 12.90 6.61 -10.74
C PHE A 89 12.56 5.47 -11.69
N CYS A 90 11.48 5.64 -12.42
CA CYS A 90 10.95 4.59 -13.28
C CYS A 90 11.43 4.73 -14.73
N ASP A 91 11.73 3.61 -15.40
CA ASP A 91 12.11 3.62 -16.81
C ASP A 91 10.92 3.39 -17.74
N LEU A 92 9.73 3.10 -17.21
CA LEU A 92 8.52 2.85 -18.01
C LEU A 92 7.56 4.05 -18.04
N LYS A 93 7.32 4.67 -16.87
CA LYS A 93 6.41 5.79 -16.80
C LYS A 93 6.90 6.92 -17.71
N GLY A 94 5.98 7.46 -18.52
CA GLY A 94 6.35 8.48 -19.48
C GLY A 94 6.74 7.92 -20.83
N LYS A 95 6.72 6.59 -21.00
CA LYS A 95 7.01 5.91 -22.26
C LYS A 95 5.87 4.97 -22.62
N TYR A 96 5.86 4.50 -23.85
CA TYR A 96 5.07 3.34 -24.21
C TYR A 96 5.92 2.11 -24.14
N VAL A 97 5.33 0.98 -23.80
CA VAL A 97 6.05 -0.29 -23.73
C VAL A 97 5.38 -1.26 -24.69
N GLN A 98 6.19 -1.89 -25.52
CA GLN A 98 5.70 -2.93 -26.44
C GLN A 98 5.83 -4.30 -25.81
N ILE A 99 4.76 -5.09 -25.83
CA ILE A 99 4.68 -6.37 -25.13
C ILE A 99 4.36 -7.41 -26.20
N PRO A 100 5.07 -8.53 -26.25
CA PRO A 100 4.71 -9.58 -27.22
C PRO A 100 3.25 -10.01 -27.05
N THR A 101 2.55 -10.24 -28.16
CA THR A 101 1.14 -10.60 -28.05
C THR A 101 0.95 -11.83 -27.20
N THR A 102 1.89 -12.77 -27.21
CA THR A 102 1.76 -14.00 -26.43
C THR A 102 1.77 -13.72 -24.92
N CYS A 103 2.21 -12.53 -24.50
CA CYS A 103 2.31 -12.18 -23.10
C CYS A 103 1.43 -11.01 -22.75
N ALA A 104 0.59 -10.52 -23.67
CA ALA A 104 -0.17 -9.31 -23.40
C ALA A 104 -1.30 -9.50 -22.41
N ASN A 105 -1.58 -10.74 -22.02
CA ASN A 105 -2.55 -10.93 -20.95
C ASN A 105 -1.99 -10.51 -19.60
N ASP A 106 -0.68 -10.40 -19.46
CA ASP A 106 -0.08 -10.02 -18.17
C ASP A 106 1.10 -9.09 -18.43
N PRO A 107 0.85 -7.83 -18.82
CA PRO A 107 1.97 -6.91 -19.10
C PRO A 107 2.82 -6.64 -17.88
N VAL A 108 2.21 -6.54 -16.69
CA VAL A 108 3.02 -6.26 -15.51
C VAL A 108 3.98 -7.41 -15.23
N GLY A 109 3.47 -8.63 -15.32
CA GLY A 109 4.35 -9.76 -15.10
C GLY A 109 5.45 -9.84 -16.17
N PHE A 110 5.12 -9.42 -17.39
CA PHE A 110 6.12 -9.46 -18.45
C PHE A 110 7.28 -8.52 -18.14
N THR A 111 6.98 -7.27 -17.80
CA THR A 111 8.04 -6.32 -17.52
C THR A 111 8.84 -6.71 -16.28
N LEU A 112 8.22 -7.35 -15.28
CA LEU A 112 8.97 -7.76 -14.09
C LEU A 112 9.99 -8.82 -14.44
N LYS A 113 9.71 -9.68 -15.39
CA LYS A 113 10.57 -10.84 -15.62
C LYS A 113 11.52 -10.70 -16.79
N ASN A 114 11.44 -9.62 -17.54
CA ASN A 114 12.18 -9.50 -18.78
C ASN A 114 13.09 -8.28 -18.77
N THR A 115 14.01 -8.26 -19.71
CA THR A 115 15.09 -7.29 -19.74
CA THR A 115 15.07 -7.27 -19.74
C THR A 115 15.23 -6.74 -21.16
N VAL A 116 15.39 -5.42 -21.28
CA VAL A 116 15.60 -4.80 -22.58
C VAL A 116 17.08 -4.82 -22.93
N CYS A 117 17.38 -5.19 -24.14
CA CYS A 117 18.78 -5.13 -24.56
C CYS A 117 19.19 -3.69 -24.83
N THR A 118 20.29 -3.27 -24.22
CA THR A 118 20.70 -1.88 -24.39
C THR A 118 21.40 -1.65 -25.72
N VAL A 119 21.80 -2.71 -26.43
CA VAL A 119 22.45 -2.52 -27.71
C VAL A 119 21.42 -2.31 -28.80
N CYS A 120 20.40 -3.16 -28.90
CA CYS A 120 19.46 -3.06 -30.01
C CYS A 120 18.08 -2.52 -29.60
N GLY A 121 17.85 -2.38 -28.31
CA GLY A 121 16.59 -1.80 -27.82
C GLY A 121 15.40 -2.72 -27.81
N MET A 122 15.58 -4.00 -28.13
CA MET A 122 14.47 -4.95 -28.13
C MET A 122 14.56 -5.87 -26.92
N TRP A 123 13.44 -6.48 -26.53
CA TRP A 123 13.46 -7.38 -25.37
C TRP A 123 14.37 -8.58 -25.63
N LYS A 124 15.20 -8.91 -24.63
CA LYS A 124 15.94 -10.18 -24.67
C LYS A 124 14.97 -11.36 -24.76
N GLY A 125 15.20 -12.25 -25.71
CA GLY A 125 14.32 -13.38 -25.95
C GLY A 125 13.01 -13.08 -26.67
N TYR A 126 12.72 -11.82 -27.00
CA TYR A 126 11.48 -11.42 -27.70
C TYR A 126 11.81 -10.28 -28.67
N GLY A 127 12.87 -10.46 -29.45
CA GLY A 127 13.21 -9.53 -30.51
C GLY A 127 14.67 -9.15 -30.56
N CYS A 128 15.42 -9.26 -29.46
CA CYS A 128 16.82 -8.85 -29.49
C CYS A 128 17.55 -9.59 -30.59
N SER A 129 18.27 -8.81 -31.40
CA SER A 129 18.99 -9.27 -32.59
C SER A 129 20.45 -9.58 -32.33
N CYS A 130 20.89 -9.56 -31.07
CA CYS A 130 22.31 -9.60 -30.75
C CYS A 130 22.88 -11.02 -30.66
N ASP A 131 22.30 -11.89 -29.85
CA ASP A 131 23.01 -13.12 -29.54
C ASP A 131 24.56 -12.95 -29.36
N ASN B 4 -17.53 -2.12 -10.14
CA ASN B 4 -17.18 -1.06 -11.10
C ASN B 4 -15.82 -0.36 -10.78
N VAL B 5 -15.77 0.42 -9.69
CA VAL B 5 -14.54 1.08 -9.25
C VAL B 5 -14.41 0.87 -7.75
N THR B 6 -13.19 1.04 -7.24
CA THR B 6 -12.92 1.02 -5.81
CA THR B 6 -12.94 1.04 -5.80
C THR B 6 -12.32 2.37 -5.42
N GLY B 7 -12.35 2.66 -4.11
CA GLY B 7 -11.64 3.80 -3.58
C GLY B 7 -10.13 3.56 -3.31
N LEU B 8 -9.66 2.32 -3.37
CA LEU B 8 -8.22 2.08 -3.20
C LEU B 8 -7.46 2.77 -4.30
N PHE B 9 -6.47 3.56 -3.91
CA PHE B 9 -5.64 4.33 -4.83
C PHE B 9 -6.42 5.41 -5.58
N LYS B 10 -7.51 5.90 -5.00
CA LYS B 10 -8.21 7.04 -5.57
C LYS B 10 -7.27 8.22 -5.70
N ASP B 11 -7.34 8.92 -6.82
CA ASP B 11 -6.57 10.15 -7.01
C ASP B 11 -7.30 11.30 -6.33
N CYS B 12 -6.69 11.88 -5.33
CA CYS B 12 -7.28 12.93 -4.51
C CYS B 12 -6.84 14.32 -4.93
N SER B 13 -6.15 14.44 -6.05
CA SER B 13 -5.76 15.77 -6.49
C SER B 13 -7.01 16.56 -6.89
N LYS B 14 -6.79 17.86 -7.09
CA LYS B 14 -7.85 18.72 -7.59
C LYS B 14 -7.68 19.03 -9.07
N VAL B 15 -6.77 18.33 -9.77
CA VAL B 15 -6.61 18.49 -11.21
C VAL B 15 -7.86 17.96 -11.91
N ILE B 16 -8.42 18.79 -12.81
CA ILE B 16 -9.71 18.46 -13.42
C ILE B 16 -9.58 17.34 -14.43
N THR B 17 -8.47 17.31 -15.16
CA THR B 17 -8.23 16.34 -16.20
C THR B 17 -7.48 15.10 -15.67
N GLY B 18 -7.58 14.01 -16.43
CA GLY B 18 -6.84 12.79 -16.16
C GLY B 18 -5.41 12.88 -16.71
N LEU B 19 -4.77 11.70 -16.78
CA LEU B 19 -3.37 11.63 -17.18
C LEU B 19 -3.16 11.23 -18.64
N HIS B 20 -1.97 11.56 -19.12
CA HIS B 20 -1.51 11.13 -20.43
C HIS B 20 -1.40 9.61 -20.42
N PRO B 21 -1.60 8.93 -21.56
CA PRO B 21 -1.53 7.47 -21.55
C PRO B 21 -0.22 6.89 -21.03
N THR B 22 0.90 7.57 -21.22
CA THR B 22 2.17 7.02 -20.73
C THR B 22 2.36 7.18 -19.24
N GLN B 23 1.56 8.01 -18.60
CA GLN B 23 1.77 8.38 -17.19
C GLN B 23 0.68 7.87 -16.28
N ALA B 24 -0.50 7.62 -16.84
CA ALA B 24 -1.60 7.08 -16.07
C ALA B 24 -1.27 5.71 -15.53
N PRO B 25 -1.51 5.43 -14.25
CA PRO B 25 -1.28 4.05 -13.79
C PRO B 25 -2.27 3.08 -14.38
N THR B 26 -3.46 3.55 -14.78
CA THR B 26 -4.54 2.66 -15.17
C THR B 26 -5.32 3.28 -16.30
N HIS B 27 -6.06 2.42 -17.02
CA HIS B 27 -6.97 2.93 -18.06
C HIS B 27 -7.97 3.91 -17.47
N LEU B 28 -8.55 3.60 -16.32
CA LEU B 28 -9.51 4.54 -15.73
CA LEU B 28 -9.52 4.52 -15.74
C LEU B 28 -8.93 5.92 -15.55
N SER B 29 -7.66 6.00 -15.16
CA SER B 29 -7.05 7.29 -14.87
CA SER B 29 -7.04 7.28 -14.86
C SER B 29 -6.57 8.06 -16.10
N VAL B 30 -6.59 7.45 -17.29
CA VAL B 30 -6.26 8.22 -18.50
C VAL B 30 -7.35 9.28 -18.73
N ASP B 31 -6.92 10.47 -19.17
CA ASP B 31 -7.93 11.46 -19.51
C ASP B 31 -8.84 11.01 -20.64
N THR B 32 -10.10 11.46 -20.55
CA THR B 32 -11.11 11.11 -21.55
CA THR B 32 -11.10 11.10 -21.55
C THR B 32 -10.69 11.46 -22.97
N LYS B 33 -9.89 12.52 -23.15
CA LYS B 33 -9.57 12.91 -24.51
C LYS B 33 -8.83 11.84 -25.29
N PHE B 34 -8.15 10.90 -24.60
CA PHE B 34 -7.38 9.84 -25.27
C PHE B 34 -8.19 8.55 -25.46
N LYS B 35 -9.44 8.50 -25.00
CA LYS B 35 -10.20 7.26 -24.99
C LYS B 35 -11.07 7.17 -26.24
N THR B 36 -10.94 6.09 -26.98
CA THR B 36 -11.77 5.90 -28.18
C THR B 36 -11.77 4.44 -28.54
N GLU B 37 -12.90 3.94 -29.10
CA GLU B 37 -12.97 2.61 -29.68
C GLU B 37 -12.53 1.54 -28.69
N GLY B 38 -12.94 1.71 -27.45
CA GLY B 38 -12.68 0.76 -26.40
C GLY B 38 -11.33 0.84 -25.71
N LEU B 39 -10.37 1.57 -26.25
CA LEU B 39 -9.01 1.61 -25.73
C LEU B 39 -8.55 3.07 -25.70
N CYS B 40 -7.24 3.31 -25.86
CA CYS B 40 -6.70 4.66 -25.84
C CYS B 40 -5.84 4.86 -27.07
N VAL B 41 -5.66 6.12 -27.43
CA VAL B 41 -4.79 6.52 -28.54
C VAL B 41 -3.78 7.54 -28.07
N ASP B 42 -2.59 7.47 -28.67
CA ASP B 42 -1.66 8.55 -28.56
C ASP B 42 -2.09 9.65 -29.53
N ILE B 43 -2.07 10.88 -29.09
CA ILE B 43 -2.48 12.01 -29.91
C ILE B 43 -1.24 12.86 -30.20
N PRO B 44 -0.80 12.93 -31.47
CA PRO B 44 0.37 13.77 -31.79
C PRO B 44 0.13 15.19 -31.32
N GLY B 45 1.14 15.81 -30.72
CA GLY B 45 1.00 17.19 -30.29
C GLY B 45 0.41 17.40 -28.92
N ILE B 46 -0.06 16.35 -28.25
CA ILE B 46 -0.60 16.47 -26.89
C ILE B 46 0.46 15.98 -25.92
N PRO B 47 1.07 16.84 -25.12
CA PRO B 47 2.24 16.44 -24.35
C PRO B 47 1.86 15.74 -23.04
N LYS B 48 2.83 15.00 -22.54
CA LYS B 48 2.86 14.58 -21.15
C LYS B 48 2.93 15.79 -20.22
N ASP B 49 2.59 15.55 -18.96
CA ASP B 49 2.58 16.56 -17.90
C ASP B 49 3.79 16.29 -17.03
N MET B 50 4.75 17.21 -17.02
CA MET B 50 6.02 16.97 -16.35
C MET B 50 6.16 17.57 -14.97
N THR B 51 5.10 18.11 -14.40
CA THR B 51 5.20 18.74 -13.09
C THR B 51 4.17 18.28 -12.08
N TYR B 52 3.38 17.24 -12.36
CA TYR B 52 2.25 17.01 -11.47
C TYR B 52 2.66 16.34 -10.15
N ARG B 53 1.81 16.55 -9.16
CA ARG B 53 1.89 15.87 -7.86
C ARG B 53 0.45 15.48 -7.53
N ARG B 54 0.14 14.17 -7.58
CA ARG B 54 -1.21 13.69 -7.38
C ARG B 54 -1.27 12.78 -6.14
N LEU B 55 -1.94 13.21 -5.10
CA LEU B 55 -2.03 12.39 -3.90
C LEU B 55 -2.91 11.19 -4.15
N ILE B 56 -2.39 10.00 -3.80
CA ILE B 56 -3.07 8.72 -4.04
C ILE B 56 -3.52 8.15 -2.70
N SER B 57 -4.82 7.87 -2.56
CA SER B 57 -5.38 7.39 -1.30
C SER B 57 -5.01 5.95 -0.99
N MET B 58 -4.64 5.72 0.27
CA MET B 58 -4.36 4.38 0.80
C MET B 58 -5.52 3.81 1.59
N MET B 59 -6.72 4.34 1.41
CA MET B 59 -7.93 3.81 2.08
C MET B 59 -8.53 2.72 1.20
N GLY B 60 -8.82 1.57 1.77
CA GLY B 60 -9.49 0.52 1.07
C GLY B 60 -8.68 -0.73 0.79
N PHE B 61 -7.60 -0.98 1.52
CA PHE B 61 -6.88 -2.24 1.31
C PHE B 61 -7.77 -3.45 1.62
N LYS B 62 -7.47 -4.54 0.92
CA LYS B 62 -8.19 -5.81 1.14
C LYS B 62 -7.15 -6.90 1.25
N MET B 63 -6.99 -7.47 2.45
CA MET B 63 -5.91 -8.42 2.70
C MET B 63 -6.44 -9.84 2.63
N ASN B 64 -7.18 -10.16 1.58
CA ASN B 64 -7.81 -11.47 1.41
C ASN B 64 -7.05 -12.35 0.42
N TYR B 65 -5.77 -12.05 0.21
CA TYR B 65 -4.85 -12.88 -0.56
C TYR B 65 -4.84 -14.31 0.00
N GLN B 66 -4.64 -15.31 -0.88
CA GLN B 66 -4.41 -16.69 -0.45
C GLN B 66 -3.19 -17.18 -1.25
N VAL B 67 -2.00 -17.03 -0.69
CA VAL B 67 -0.76 -17.28 -1.42
C VAL B 67 0.08 -18.22 -0.57
N ASN B 68 0.49 -19.32 -1.20
CA ASN B 68 1.20 -20.35 -0.44
C ASN B 68 2.39 -19.80 0.31
N GLY B 69 2.46 -20.08 1.60
CA GLY B 69 3.60 -19.69 2.38
C GLY B 69 3.55 -18.26 2.92
N TYR B 70 2.55 -17.48 2.58
CA TYR B 70 2.36 -16.15 3.16
C TYR B 70 1.26 -16.26 4.22
N PRO B 71 1.56 -16.06 5.50
CA PRO B 71 0.48 -16.15 6.51
C PRO B 71 -0.56 -15.06 6.30
N ASN B 72 -1.79 -15.36 6.63
CA ASN B 72 -2.74 -14.27 6.53
C ASN B 72 -2.73 -13.39 7.78
N MET B 73 -2.86 -12.11 7.54
CA MET B 73 -2.77 -11.09 8.58
C MET B 73 -3.97 -11.20 9.53
N PHE B 74 -5.20 -11.31 9.02
CA PHE B 74 -6.39 -11.38 9.85
C PHE B 74 -6.62 -12.81 10.28
N ILE B 75 -6.86 -13.03 11.57
CA ILE B 75 -6.96 -14.37 12.16
C ILE B 75 -8.35 -14.53 12.78
N THR B 76 -8.75 -15.78 13.01
CA THR B 76 -10.01 -16.05 13.66
C THR B 76 -9.98 -15.72 15.13
N ARG B 77 -11.19 -15.61 15.68
CA ARG B 77 -11.34 -15.42 17.11
C ARG B 77 -10.64 -16.52 17.90
N GLU B 78 -10.83 -17.77 17.50
CA GLU B 78 -10.21 -18.87 18.25
C GLU B 78 -8.69 -18.78 18.22
N GLU B 79 -8.11 -18.44 17.07
CA GLU B 79 -6.65 -18.31 17.02
C GLU B 79 -6.20 -17.12 17.87
N ALA B 80 -6.93 -16.03 17.78
CA ALA B 80 -6.58 -14.84 18.57
C ALA B 80 -6.58 -15.19 20.05
N ILE B 81 -7.56 -15.98 20.52
CA ILE B 81 -7.63 -16.31 21.94
C ILE B 81 -6.38 -17.05 22.38
N ARG B 82 -5.90 -18.00 21.56
CA ARG B 82 -4.69 -18.73 21.93
C ARG B 82 -3.51 -17.80 22.10
N HIS B 83 -3.51 -16.67 21.38
CA HIS B 83 -2.43 -15.70 21.40
C HIS B 83 -2.74 -14.45 22.18
N VAL B 84 -3.55 -14.56 23.24
CA VAL B 84 -3.90 -13.38 24.03
C VAL B 84 -2.67 -12.61 24.53
N ARG B 85 -1.55 -13.32 24.83
CA ARG B 85 -0.38 -12.59 25.32
C ARG B 85 0.26 -11.71 24.27
N ALA B 86 -0.05 -11.95 23.00
CA ALA B 86 0.41 -11.13 21.89
C ALA B 86 -0.51 -9.96 21.59
N TRP B 87 -1.63 -9.80 22.30
CA TRP B 87 -2.63 -8.78 21.92
C TRP B 87 -2.14 -7.37 22.24
N ILE B 88 -2.17 -6.49 21.23
CA ILE B 88 -1.86 -5.07 21.40
C ILE B 88 -3.05 -4.34 20.76
N GLY B 89 -3.83 -3.64 21.59
CA GLY B 89 -4.88 -2.81 21.02
C GLY B 89 -4.24 -1.68 20.21
N PHE B 90 -4.88 -1.24 19.11
CA PHE B 90 -4.29 -0.25 18.22
C PHE B 90 -5.41 0.60 17.66
N ASP B 91 -5.23 1.92 17.67
CA ASP B 91 -6.19 2.85 17.11
C ASP B 91 -5.39 4.03 16.54
N VAL B 92 -5.88 4.59 15.45
CA VAL B 92 -5.24 5.78 14.86
C VAL B 92 -6.26 6.89 14.69
N GLU B 93 -5.90 8.08 15.11
CA GLU B 93 -6.71 9.27 14.79
C GLU B 93 -6.08 9.96 13.61
N GLY B 94 -6.89 10.27 12.61
CA GLY B 94 -6.41 10.82 11.36
C GLY B 94 -6.53 12.34 11.25
N CYS B 95 -5.86 12.87 10.26
CA CYS B 95 -6.10 14.21 9.75
C CYS B 95 -6.46 14.11 8.29
N HIS B 96 -7.07 15.14 7.74
CA HIS B 96 -7.58 15.10 6.38
C HIS B 96 -6.69 15.84 5.41
N ALA B 97 -6.52 15.28 4.22
CA ALA B 97 -5.83 16.01 3.17
C ALA B 97 -6.58 17.30 2.84
N THR B 98 -5.81 18.37 2.63
CA THR B 98 -6.43 19.64 2.25
CA THR B 98 -6.39 19.67 2.25
C THR B 98 -5.55 20.32 1.17
N ARG B 99 -6.06 21.45 0.66
CA ARG B 99 -5.34 22.35 -0.25
C ARG B 99 -5.11 21.72 -1.61
N GLU B 100 -3.93 21.14 -1.82
CA GLU B 100 -3.63 20.54 -3.11
C GLU B 100 -4.33 19.20 -3.30
N ALA B 101 -4.94 18.65 -2.26
CA ALA B 101 -5.66 17.39 -2.38
C ALA B 101 -6.79 17.36 -1.37
N VAL B 102 -7.80 16.57 -1.64
CA VAL B 102 -8.91 16.36 -0.74
C VAL B 102 -9.47 14.97 -1.00
N GLY B 103 -9.90 14.30 0.11
CA GLY B 103 -10.59 13.04 -0.06
C GLY B 103 -9.96 11.83 0.61
N THR B 104 -9.00 12.04 1.52
CA THR B 104 -8.32 10.90 2.12
C THR B 104 -7.85 11.28 3.53
N ASN B 105 -7.60 10.22 4.29
CA ASN B 105 -7.33 10.30 5.74
C ASN B 105 -5.84 9.92 5.89
N LEU B 106 -5.07 10.71 6.64
CA LEU B 106 -3.65 10.47 6.88
C LEU B 106 -3.43 10.20 8.36
N PRO B 107 -2.54 9.27 8.74
CA PRO B 107 -2.34 9.00 10.17
C PRO B 107 -1.77 10.22 10.88
N LEU B 108 -2.31 10.53 12.06
CA LEU B 108 -1.79 11.64 12.86
C LEU B 108 -1.34 11.14 14.23
N GLN B 109 -2.22 10.51 15.00
CA GLN B 109 -1.88 10.03 16.33
C GLN B 109 -2.14 8.54 16.38
N LEU B 110 -1.09 7.76 16.59
CA LEU B 110 -1.13 6.31 16.64
C LEU B 110 -1.09 5.90 18.09
N GLY B 111 -2.11 5.21 18.54
CA GLY B 111 -2.24 4.82 19.94
C GLY B 111 -2.28 3.32 20.14
N PHE B 112 -1.73 2.87 21.26
CA PHE B 112 -1.58 1.44 21.52
C PHE B 112 -1.99 1.16 22.95
N SER B 113 -2.35 -0.11 23.23
CA SER B 113 -2.86 -0.46 24.55
C SER B 113 -1.79 -0.40 25.61
N THR B 114 -0.53 -0.23 25.23
CA THR B 114 0.53 0.05 26.19
C THR B 114 0.43 1.46 26.75
N GLY B 115 -0.47 2.29 26.28
CA GLY B 115 -0.56 3.68 26.72
C GLY B 115 0.23 4.65 25.88
N VAL B 116 0.98 4.16 24.90
CA VAL B 116 1.82 5.02 24.10
C VAL B 116 1.00 5.64 22.98
N ASN B 117 1.14 6.95 22.77
CA ASN B 117 0.68 7.66 21.57
C ASN B 117 1.92 8.20 20.89
N LEU B 118 1.99 8.02 19.57
CA LEU B 118 3.04 8.56 18.71
C LEU B 118 2.36 9.49 17.72
N VAL B 119 2.98 10.63 17.43
CA VAL B 119 2.42 11.62 16.51
C VAL B 119 3.28 11.69 15.27
N ALA B 120 2.66 11.54 14.10
CA ALA B 120 3.38 11.57 12.83
C ALA B 120 3.12 12.88 12.08
N VAL B 121 4.15 13.36 11.39
CA VAL B 121 3.94 14.38 10.36
C VAL B 121 2.87 13.88 9.37
N PRO B 122 1.91 14.69 8.94
CA PRO B 122 0.95 14.23 7.93
C PRO B 122 1.66 13.92 6.61
N THR B 123 1.62 12.66 6.22
CA THR B 123 2.46 12.16 5.13
C THR B 123 1.60 11.31 4.22
N GLY B 124 1.76 11.47 2.92
CA GLY B 124 0.99 10.71 1.95
C GLY B 124 1.83 10.26 0.76
N TYR B 125 1.18 9.52 -0.10
CA TYR B 125 1.80 8.88 -1.27
C TYR B 125 1.44 9.69 -2.50
N VAL B 126 2.40 10.49 -2.99
CA VAL B 126 2.16 11.48 -4.05
C VAL B 126 2.76 10.97 -5.36
N ASP B 127 1.89 10.65 -6.30
CA ASP B 127 2.42 10.26 -7.62
C ASP B 127 2.98 11.47 -8.36
N THR B 128 4.11 11.24 -9.02
CA THR B 128 4.76 12.29 -9.81
C THR B 128 5.07 11.69 -11.17
N PRO B 129 5.66 12.47 -12.10
CA PRO B 129 6.04 11.89 -13.41
C PRO B 129 7.09 10.82 -13.33
N ASN B 130 7.80 10.66 -12.21
CA ASN B 130 8.92 9.75 -12.16
C ASN B 130 8.80 8.62 -11.15
N ASN B 131 7.87 8.74 -10.19
CA ASN B 131 7.84 7.78 -9.11
C ASN B 131 6.63 8.10 -8.24
N THR B 132 6.54 7.43 -7.10
CA THR B 132 5.69 7.85 -5.97
C THR B 132 6.58 8.50 -4.92
N ASP B 133 6.26 9.73 -4.51
CA ASP B 133 7.00 10.46 -3.49
C ASP B 133 6.26 10.39 -2.15
N PHE B 134 6.80 9.63 -1.24
CA PHE B 134 6.25 9.51 0.11
C PHE B 134 6.68 10.78 0.85
N SER B 135 5.76 11.70 1.08
CA SER B 135 6.15 13.06 1.47
C SER B 135 5.10 13.72 2.32
N ARG B 136 5.55 14.75 3.05
CA ARG B 136 4.62 15.56 3.83
C ARG B 136 3.62 16.17 2.88
N VAL B 137 2.34 16.20 3.30
CA VAL B 137 1.25 16.80 2.53
C VAL B 137 0.47 17.74 3.42
N SER B 138 -0.21 18.70 2.77
CA SER B 138 -1.07 19.60 3.54
C SER B 138 -2.20 18.83 4.19
N ALA B 139 -2.53 19.17 5.45
CA ALA B 139 -3.59 18.43 6.13
C ALA B 139 -4.16 19.29 7.24
N LYS B 140 -5.33 18.89 7.70
CA LYS B 140 -5.93 19.56 8.86
C LYS B 140 -6.72 18.55 9.68
N PRO B 141 -6.91 18.77 10.98
CA PRO B 141 -7.77 17.89 11.74
C PRO B 141 -9.20 18.06 11.28
N PRO B 142 -10.04 17.06 11.45
CA PRO B 142 -11.46 17.25 11.14
C PRO B 142 -12.04 18.33 12.02
N PRO B 143 -13.06 19.05 11.53
CA PRO B 143 -13.69 20.09 12.36
C PRO B 143 -14.57 19.46 13.43
N GLY B 144 -14.88 20.24 14.44
CA GLY B 144 -15.76 19.69 15.46
C GLY B 144 -15.12 19.62 16.82
N ASP B 145 -15.92 19.89 17.85
CA ASP B 145 -15.38 19.92 19.20
C ASP B 145 -14.75 18.59 19.60
N GLN B 146 -15.25 17.48 19.08
CA GLN B 146 -14.67 16.21 19.51
C GLN B 146 -13.28 15.97 18.93
N PHE B 147 -12.83 16.80 17.97
CA PHE B 147 -11.53 16.67 17.32
C PHE B 147 -10.57 17.80 17.69
N LYS B 148 -11.00 18.72 18.56
CA LYS B 148 -10.15 19.86 18.90
C LYS B 148 -8.81 19.46 19.48
N HIS B 149 -8.72 18.35 20.23
CA HIS B 149 -7.44 17.97 20.80
C HIS B 149 -6.37 17.62 19.74
N LEU B 150 -6.79 17.41 18.50
CA LEU B 150 -5.82 17.10 17.46
C LEU B 150 -5.11 18.34 16.95
N ILE B 151 -5.67 19.52 17.21
CA ILE B 151 -5.09 20.76 16.71
C ILE B 151 -3.63 20.91 17.08
N PRO B 152 -3.23 20.80 18.36
CA PRO B 152 -1.81 20.91 18.68
C PRO B 152 -0.94 19.81 18.11
N LEU B 153 -1.51 18.69 17.72
CA LEU B 153 -0.64 17.65 17.20
C LEU B 153 -0.17 17.94 15.80
N MET B 154 -0.79 18.87 15.10
CA MET B 154 -0.39 19.16 13.74
C MET B 154 1.04 19.66 13.64
N TYR B 155 1.59 20.17 14.73
CA TYR B 155 2.93 20.76 14.85
C TYR B 155 3.91 20.00 15.72
N LYS B 156 3.52 18.83 16.17
CA LYS B 156 4.33 17.97 17.02
C LYS B 156 4.67 16.64 16.36
N GLY B 157 4.39 16.47 15.08
CA GLY B 157 4.66 15.20 14.44
C GLY B 157 6.13 14.94 14.22
N LEU B 158 6.47 13.62 14.22
CA LEU B 158 7.80 13.13 13.86
CA LEU B 158 7.79 13.14 13.84
C LEU B 158 7.76 12.56 12.43
N PRO B 159 8.84 12.60 11.68
CA PRO B 159 8.85 11.97 10.35
C PRO B 159 8.60 10.49 10.49
N TRP B 160 8.04 9.91 9.44
CA TRP B 160 7.67 8.49 9.51
C TRP B 160 8.84 7.56 9.70
N ASN B 161 10.02 7.94 9.19
CA ASN B 161 11.19 7.08 9.39
C ASN B 161 11.54 6.96 10.86
N VAL B 162 11.24 7.98 11.66
CA VAL B 162 11.42 7.95 13.12
C VAL B 162 10.28 7.22 13.79
N VAL B 163 9.04 7.52 13.36
CA VAL B 163 7.86 6.90 14.00
C VAL B 163 7.93 5.39 13.91
N ARG B 164 8.26 4.85 12.72
CA ARG B 164 8.21 3.40 12.60
C ARG B 164 9.27 2.71 13.45
N ILE B 165 10.46 3.31 13.58
CA ILE B 165 11.46 2.76 14.50
C ILE B 165 10.89 2.72 15.92
N LYS B 166 10.21 3.78 16.31
CA LYS B 166 9.67 3.80 17.68
C LYS B 166 8.58 2.75 17.87
N ILE B 167 7.76 2.50 16.83
CA ILE B 167 6.74 1.46 16.93
C ILE B 167 7.40 0.11 17.13
N VAL B 168 8.41 -0.18 16.31
CA VAL B 168 9.09 -1.47 16.44
C VAL B 168 9.70 -1.63 17.83
N GLN B 169 10.35 -0.57 18.33
CA GLN B 169 11.00 -0.66 19.63
C GLN B 169 9.97 -0.90 20.72
N MET B 170 8.83 -0.19 20.64
CA MET B 170 7.83 -0.35 21.68
CA MET B 170 7.76 -0.42 21.71
C MET B 170 7.25 -1.76 21.65
N LEU B 171 6.94 -2.28 20.46
CA LEU B 171 6.37 -3.60 20.38
C LEU B 171 7.35 -4.64 20.87
N SER B 172 8.63 -4.46 20.51
CA SER B 172 9.68 -5.41 20.89
C SER B 172 9.87 -5.43 22.41
N ASP B 173 9.94 -4.25 23.00
CA ASP B 173 10.07 -4.17 24.46
C ASP B 173 8.89 -4.81 25.16
N THR B 174 7.69 -4.60 24.62
CA THR B 174 6.49 -5.12 25.27
C THR B 174 6.35 -6.62 25.09
N LEU B 175 6.65 -7.16 23.92
CA LEU B 175 6.28 -8.52 23.60
C LEU B 175 7.39 -9.54 23.70
N LYS B 176 8.67 -9.13 23.81
CA LYS B 176 9.76 -10.11 23.70
C LYS B 176 9.64 -11.25 24.69
N ASN B 177 9.15 -10.99 25.90
CA ASN B 177 8.98 -12.08 26.88
C ASN B 177 7.54 -12.58 26.97
N LEU B 178 6.67 -12.17 26.03
CA LEU B 178 5.26 -12.58 26.02
C LEU B 178 4.89 -13.46 24.85
N SER B 179 5.44 -13.25 23.64
CA SER B 179 4.98 -13.97 22.45
C SER B 179 6.01 -13.90 21.34
N ASP B 180 5.89 -14.83 20.41
CA ASP B 180 6.67 -14.82 19.19
C ASP B 180 6.02 -14.00 18.07
N ARG B 181 4.94 -13.28 18.37
CA ARG B 181 4.19 -12.56 17.33
C ARG B 181 3.55 -11.35 17.97
N VAL B 182 2.83 -10.58 17.14
CA VAL B 182 1.89 -9.55 17.65
C VAL B 182 0.53 -9.81 17.01
N VAL B 183 -0.52 -9.62 17.79
CA VAL B 183 -1.91 -9.60 17.28
C VAL B 183 -2.44 -8.20 17.57
N PHE B 184 -2.60 -7.38 16.56
CA PHE B 184 -3.24 -6.08 16.78
C PHE B 184 -4.74 -6.28 16.93
N VAL B 185 -5.29 -5.72 18.01
CA VAL B 185 -6.70 -5.86 18.31
C VAL B 185 -7.37 -4.55 17.95
N LEU B 186 -8.28 -4.60 16.98
CA LEU B 186 -8.83 -3.44 16.29
C LEU B 186 -10.34 -3.33 16.48
N TRP B 187 -10.82 -2.12 16.31
CA TRP B 187 -12.27 -1.88 16.29
C TRP B 187 -12.56 -1.03 15.05
N ALA B 188 -13.22 -1.61 14.05
CA ALA B 188 -13.49 -0.94 12.75
C ALA B 188 -12.16 -0.68 12.07
N HIS B 189 -11.60 -1.71 11.47
CA HIS B 189 -10.17 -1.74 11.21
C HIS B 189 -9.69 -0.93 10.02
N GLY B 190 -10.55 -0.41 9.15
CA GLY B 190 -10.10 0.12 7.87
C GLY B 190 -8.93 1.09 7.95
N PHE B 191 -9.06 2.10 8.80
CA PHE B 191 -8.02 3.11 8.88
C PHE B 191 -6.79 2.60 9.61
N GLU B 192 -6.93 1.66 10.58
CA GLU B 192 -5.74 1.05 11.14
C GLU B 192 -4.97 0.26 10.11
N LEU B 193 -5.66 -0.43 9.22
CA LEU B 193 -5.00 -1.14 8.12
C LEU B 193 -4.30 -0.17 7.17
N THR B 194 -4.97 0.94 6.81
CA THR B 194 -4.31 1.98 6.05
C THR B 194 -3.06 2.47 6.74
N SER B 195 -3.14 2.68 8.05
CA SER B 195 -1.98 3.18 8.77
CA SER B 195 -1.98 3.17 8.78
C SER B 195 -0.85 2.15 8.82
N MET B 196 -1.19 0.85 8.86
CA MET B 196 -0.16 -0.19 8.82
C MET B 196 0.65 -0.15 7.54
N LYS B 197 0.12 0.38 6.44
CA LYS B 197 0.93 0.50 5.23
C LYS B 197 2.19 1.30 5.51
N TYR B 198 2.14 2.20 6.50
CA TYR B 198 3.26 3.06 6.81
C TYR B 198 4.35 2.39 7.65
N PHE B 199 4.10 1.21 8.22
CA PHE B 199 5.08 0.59 9.13
C PHE B 199 5.08 -0.94 9.17
N VAL B 200 4.35 -1.60 8.26
CA VAL B 200 4.24 -3.07 8.20
C VAL B 200 4.70 -3.56 6.86
N LYS B 201 5.50 -4.63 6.81
CA LYS B 201 5.75 -5.37 5.60
C LYS B 201 5.39 -6.82 5.82
N ILE B 202 5.12 -7.53 4.72
CA ILE B 202 4.71 -8.94 4.75
C ILE B 202 5.55 -9.77 3.79
N GLY B 203 5.51 -11.06 4.02
CA GLY B 203 6.18 -11.99 3.12
C GLY B 203 6.06 -13.38 3.70
N PRO B 204 6.85 -14.31 3.19
CA PRO B 204 6.86 -15.65 3.78
C PRO B 204 7.43 -15.60 5.22
N GLU B 205 7.11 -16.61 6.02
CA GLU B 205 7.69 -16.66 7.37
C GLU B 205 9.21 -16.74 7.30
N ARG B 206 9.92 -16.00 8.15
CA ARG B 206 11.38 -15.92 8.18
C ARG B 206 11.84 -16.16 9.61
N THR B 207 13.16 -16.29 9.81
CA THR B 207 13.74 -16.33 11.14
C THR B 207 14.70 -15.15 11.40
N CYS B 208 15.00 -14.90 12.65
CA CYS B 208 15.86 -13.84 13.09
C CYS B 208 17.28 -13.95 12.60
N CYS B 209 17.92 -12.82 12.42
CA CYS B 209 19.30 -12.84 11.98
C CYS B 209 20.20 -13.42 13.06
N LEU B 210 19.79 -13.33 14.33
CA LEU B 210 20.61 -13.66 15.49
C LEU B 210 20.17 -14.87 16.31
N CYS B 211 19.04 -15.50 16.01
CA CYS B 211 18.68 -16.71 16.76
C CYS B 211 17.68 -17.45 15.89
N ASP B 212 16.97 -18.42 16.46
CA ASP B 212 16.12 -19.31 15.69
C ASP B 212 14.63 -18.98 15.79
N ARG B 213 14.26 -17.84 16.40
CA ARG B 213 12.85 -17.49 16.55
C ARG B 213 12.29 -16.97 15.21
N ARG B 214 10.96 -17.01 15.04
CA ARG B 214 10.34 -16.40 13.87
C ARG B 214 10.60 -14.89 13.87
N ALA B 215 10.74 -14.35 12.67
CA ALA B 215 10.95 -12.92 12.50
C ALA B 215 9.63 -12.18 12.71
N THR B 216 9.75 -11.11 13.47
CA THR B 216 8.66 -10.17 13.72
C THR B 216 8.97 -8.77 13.20
N CYS B 217 10.18 -8.51 12.75
CA CYS B 217 10.66 -7.20 12.37
C CYS B 217 11.54 -7.34 11.15
N PHE B 218 11.61 -6.27 10.36
CA PHE B 218 12.41 -6.19 9.14
C PHE B 218 13.14 -4.86 9.12
N SER B 219 14.39 -4.89 8.59
CA SER B 219 15.18 -3.69 8.45
C SER B 219 15.43 -3.38 6.99
N THR B 220 15.02 -2.20 6.58
CA THR B 220 15.33 -1.75 5.21
C THR B 220 16.78 -1.33 5.08
N ALA B 221 17.49 -1.13 6.18
CA ALA B 221 18.89 -0.73 6.08
C ALA B 221 19.76 -1.86 5.57
N SER B 222 19.46 -3.10 5.94
CA SER B 222 20.23 -4.27 5.59
C SER B 222 19.45 -5.40 4.94
N ASP B 223 18.13 -5.24 4.74
CA ASP B 223 17.30 -6.29 4.21
CA ASP B 223 17.28 -6.30 4.21
C ASP B 223 17.41 -7.56 5.06
N THR B 224 17.35 -7.36 6.38
CA THR B 224 17.42 -8.46 7.33
C THR B 224 16.17 -8.53 8.20
N TYR B 225 16.03 -9.65 8.91
CA TYR B 225 14.85 -9.98 9.72
C TYR B 225 15.31 -10.23 11.16
N ALA B 226 14.44 -9.88 12.12
CA ALA B 226 14.75 -10.11 13.52
C ALA B 226 13.48 -10.46 14.29
N CYS B 227 13.66 -11.20 15.37
CA CYS B 227 12.62 -11.37 16.37
C CYS B 227 12.57 -10.16 17.32
N TRP B 228 11.67 -10.21 18.32
CA TRP B 228 11.51 -9.06 19.20
C TRP B 228 12.73 -8.83 20.09
N HIS B 229 13.54 -9.86 20.33
CA HIS B 229 14.74 -9.70 21.16
C HIS B 229 15.87 -9.04 20.42
N HIS B 230 15.90 -9.13 19.09
CA HIS B 230 17.08 -8.71 18.35
C HIS B 230 16.82 -7.59 17.34
N SER B 231 15.78 -6.79 17.57
CA SER B 231 15.29 -5.87 16.56
C SER B 231 15.77 -4.45 16.76
N ILE B 232 16.78 -4.20 17.61
CA ILE B 232 17.20 -2.83 17.83
C ILE B 232 17.56 -2.17 16.50
N GLY B 233 17.04 -0.97 16.26
CA GLY B 233 17.23 -0.24 15.04
C GLY B 233 16.40 -0.66 13.85
N PHE B 234 15.60 -1.73 13.98
CA PHE B 234 14.75 -2.14 12.86
C PHE B 234 13.56 -1.20 12.66
N ASP B 235 13.18 -1.01 11.39
CA ASP B 235 12.17 -0.01 11.07
C ASP B 235 10.78 -0.53 10.71
N TYR B 236 10.61 -1.82 10.39
CA TYR B 236 9.30 -2.35 10.01
C TYR B 236 8.86 -3.50 10.90
N VAL B 237 7.56 -3.53 11.18
CA VAL B 237 6.91 -4.72 11.75
C VAL B 237 6.68 -5.70 10.61
N TYR B 238 7.04 -6.98 10.79
CA TYR B 238 7.01 -8.00 9.74
C TYR B 238 6.00 -9.08 10.08
N ASN B 239 5.08 -9.37 9.18
CA ASN B 239 4.06 -10.39 9.40
C ASN B 239 3.35 -10.28 10.75
N PRO B 240 2.74 -9.14 11.05
CA PRO B 240 1.85 -9.06 12.20
C PRO B 240 0.55 -9.78 11.90
N PHE B 241 -0.18 -10.07 12.98
CA PHE B 241 -1.54 -10.57 12.88
C PHE B 241 -2.49 -9.55 13.46
N MET B 242 -3.79 -9.78 13.22
CA MET B 242 -4.78 -8.78 13.62
C MET B 242 -6.18 -9.34 13.62
N ILE B 243 -7.06 -8.68 14.36
CA ILE B 243 -8.46 -9.08 14.41
C ILE B 243 -9.30 -7.86 14.68
N ASP B 244 -10.49 -7.79 14.09
CA ASP B 244 -11.42 -6.66 14.27
C ASP B 244 -12.55 -7.11 15.19
N VAL B 245 -12.48 -6.67 16.44
CA VAL B 245 -13.45 -6.98 17.51
C VAL B 245 -14.86 -6.52 17.15
N GLN B 246 -14.98 -5.44 16.38
CA GLN B 246 -16.31 -4.93 16.01
C GLN B 246 -17.14 -5.98 15.30
N GLN B 247 -16.50 -6.91 14.65
CA GLN B 247 -17.16 -7.94 13.85
C GLN B 247 -17.73 -9.07 14.71
N TRP B 248 -17.56 -9.01 16.03
CA TRP B 248 -18.03 -10.12 16.88
C TRP B 248 -19.48 -10.01 17.28
N GLY B 249 -20.20 -9.03 16.78
CA GLY B 249 -21.65 -8.97 16.99
C GLY B 249 -22.12 -7.80 17.81
N PHE B 250 -21.23 -6.90 18.20
CA PHE B 250 -21.61 -5.73 18.94
C PHE B 250 -22.41 -4.78 18.06
N THR B 251 -23.25 -3.97 18.70
CA THR B 251 -23.89 -2.84 18.03
C THR B 251 -23.50 -1.57 18.79
N GLY B 252 -23.48 -0.44 18.11
CA GLY B 252 -23.12 0.79 18.76
C GLY B 252 -21.60 0.96 18.83
N ASN B 253 -21.20 2.03 19.48
CA ASN B 253 -19.81 2.44 19.49
C ASN B 253 -18.94 1.60 20.43
N LEU B 254 -17.62 1.75 20.26
CA LEU B 254 -16.67 1.04 21.11
C LEU B 254 -16.91 1.32 22.60
N GLN B 255 -17.05 2.60 22.98
CA GLN B 255 -17.13 2.90 24.40
C GLN B 255 -18.33 2.22 25.04
N SER B 256 -19.48 2.21 24.36
CA SER B 256 -20.68 1.66 24.98
C SER B 256 -20.50 0.17 25.23
N ASN B 257 -19.80 -0.51 24.34
CA ASN B 257 -19.59 -1.94 24.55
C ASN B 257 -18.49 -2.21 25.55
N HIS B 258 -17.40 -1.44 25.51
CA HIS B 258 -16.38 -1.58 26.55
C HIS B 258 -16.98 -1.37 27.96
N ASP B 259 -17.84 -0.36 28.09
CA ASP B 259 -18.32 0.01 29.41
C ASP B 259 -19.30 -1.01 29.98
N LEU B 260 -19.87 -1.87 29.16
CA LEU B 260 -20.67 -2.98 29.70
C LEU B 260 -19.91 -3.83 30.70
N TYR B 261 -18.60 -3.96 30.54
CA TYR B 261 -17.83 -4.88 31.37
C TYR B 261 -16.83 -4.24 32.29
N CYS B 262 -16.53 -2.97 32.13
CA CYS B 262 -15.34 -2.40 32.73
C CYS B 262 -15.61 -0.97 33.15
N GLN B 263 -15.24 -0.66 34.39
CA GLN B 263 -15.37 0.70 34.91
C GLN B 263 -14.03 1.34 35.24
N VAL B 264 -12.92 0.76 34.81
CA VAL B 264 -11.62 1.28 35.23
C VAL B 264 -10.90 2.02 34.10
N HIS B 265 -11.53 2.23 32.94
CA HIS B 265 -10.95 2.87 31.75
C HIS B 265 -11.93 3.93 31.32
N GLY B 266 -11.96 5.06 32.04
CA GLY B 266 -12.73 6.19 31.59
C GLY B 266 -12.22 6.70 30.24
N ASN B 267 -13.12 7.26 29.44
CA ASN B 267 -12.74 7.62 28.08
C ASN B 267 -11.99 8.95 28.11
N ALA B 268 -10.70 8.91 27.83
CA ALA B 268 -9.88 10.12 27.78
C ALA B 268 -9.78 10.72 26.39
N HIS B 269 -10.50 10.15 25.41
CA HIS B 269 -10.60 10.74 24.07
C HIS B 269 -9.24 10.95 23.39
N VAL B 270 -8.45 9.87 23.31
CA VAL B 270 -7.13 9.89 22.69
C VAL B 270 -6.94 8.50 22.10
N ALA B 271 -6.11 8.39 21.05
CA ALA B 271 -5.90 7.14 20.34
C ALA B 271 -5.56 6.01 21.29
N SER B 272 -4.63 6.25 22.23
CA SER B 272 -4.27 5.18 23.17
C SER B 272 -5.45 4.70 24.00
N CYS B 273 -6.37 5.61 24.31
CA CYS B 273 -7.50 5.18 25.14
C CYS B 273 -8.45 4.28 24.35
N ASP B 274 -8.69 4.59 23.07
CA ASP B 274 -9.45 3.66 22.23
C ASP B 274 -8.75 2.32 22.11
N ALA B 275 -7.41 2.34 21.99
CA ALA B 275 -6.67 1.08 21.89
C ALA B 275 -6.77 0.26 23.18
N ILE B 276 -6.69 0.94 24.34
CA ILE B 276 -6.86 0.28 25.64
C ILE B 276 -8.26 -0.30 25.76
N MET B 277 -9.28 0.47 25.36
CA MET B 277 -10.65 -0.03 25.46
C MET B 277 -10.92 -1.21 24.55
N THR B 278 -10.29 -1.20 23.37
CA THR B 278 -10.52 -2.29 22.43
C THR B 278 -9.92 -3.58 22.95
N ARG B 279 -8.67 -3.54 23.43
CA ARG B 279 -8.08 -4.77 23.97
C ARG B 279 -8.84 -5.22 25.22
N CYS B 280 -9.26 -4.27 26.06
CA CYS B 280 -9.98 -4.61 27.29
C CYS B 280 -11.33 -5.26 27.01
N LEU B 281 -12.07 -4.71 26.06
CA LEU B 281 -13.32 -5.33 25.65
C LEU B 281 -13.10 -6.75 25.13
N ALA B 282 -12.09 -6.92 24.27
CA ALA B 282 -11.83 -8.26 23.76
C ALA B 282 -11.51 -9.23 24.90
N VAL B 283 -10.68 -8.80 25.85
CA VAL B 283 -10.31 -9.69 26.96
C VAL B 283 -11.55 -10.03 27.78
N HIS B 284 -12.41 -9.04 28.07
CA HIS B 284 -13.61 -9.38 28.85
C HIS B 284 -14.52 -10.30 28.09
N GLU B 285 -14.66 -10.11 26.78
CA GLU B 285 -15.53 -10.95 25.99
C GLU B 285 -15.06 -12.41 25.97
N CYS B 286 -13.76 -12.64 25.92
CA CYS B 286 -13.25 -13.98 25.70
C CYS B 286 -12.79 -14.70 26.96
N PHE B 287 -12.49 -13.99 28.02
CA PHE B 287 -11.85 -14.61 29.18
C PHE B 287 -12.58 -14.42 30.49
N VAL B 288 -13.57 -13.55 30.56
CA VAL B 288 -14.24 -13.20 31.80
C VAL B 288 -15.67 -13.75 31.80
N LYS B 289 -16.08 -14.23 32.98
CA LYS B 289 -17.39 -14.84 33.36
C LYS B 289 -17.52 -16.35 33.25
ZN ZN C . 7.16 2.48 -12.51
ZN ZN D . 20.10 -6.90 -28.58
ZN ZN E . -11.58 -1.48 30.40
ZN ZN F . 16.37 -13.23 17.53
#